data_6I1C
#
_entry.id   6I1C
#
_cell.length_a   65.383
_cell.length_b   97.475
_cell.length_c   139.545
_cell.angle_alpha   90.00
_cell.angle_beta   90.00
_cell.angle_gamma   90.00
#
_symmetry.space_group_name_H-M   'I 2 2 2'
#
loop_
_entity.id
_entity.type
_entity.pdbx_description
1 polymer 'thioredoxin f2'
2 water water
#
_entity_poly.entity_id   1
_entity_poly.type   'polypeptide(L)'
_entity_poly.pdbx_seq_one_letter_code
;MHHHHHHTMGGSVDGQGLLQLDKDTFWPYLEQQQDTLVVVDFYTDWCGPCKLIYPELVKLSQERTDVRFVKVNCNKSNKE
LGMQLAIKVAPTFHLYRNKTKVADMTGAKMDKLIALINQHQPPKN
;
_entity_poly.pdbx_strand_id   A,B,C
#
# COMPACT_ATOMS: atom_id res chain seq x y z
N GLY A 17 -18.32 10.15 2.58
CA GLY A 17 -16.90 10.27 2.84
C GLY A 17 -16.04 9.35 1.99
N LEU A 18 -14.87 9.83 1.57
CA LEU A 18 -14.00 9.05 0.72
C LEU A 18 -13.38 7.89 1.50
N LEU A 19 -13.18 6.77 0.81
CA LEU A 19 -12.49 5.63 1.40
C LEU A 19 -11.07 6.03 1.81
N GLN A 20 -10.69 5.70 3.03
CA GLN A 20 -9.36 6.05 3.52
C GLN A 20 -8.42 4.86 3.32
N LEU A 21 -7.26 5.14 2.75
CA LEU A 21 -6.17 4.18 2.63
C LEU A 21 -5.03 4.58 3.55
N ASP A 22 -4.22 3.58 3.93
CA ASP A 22 -3.07 3.72 4.83
C ASP A 22 -1.85 3.10 4.19
N LYS A 23 -0.72 3.12 4.92
CA LYS A 23 0.49 2.54 4.35
C LYS A 23 0.35 1.03 4.11
N ASP A 24 -0.49 0.34 4.86
CA ASP A 24 -0.65 -1.07 4.61
C ASP A 24 -1.76 -1.41 3.62
N THR A 25 -2.68 -0.49 3.33
CA THR A 25 -3.74 -0.80 2.38
C THR A 25 -3.60 -0.11 1.03
N PHE A 26 -2.66 0.85 0.88
CA PHE A 26 -2.61 1.66 -0.34
C PHE A 26 -2.32 0.81 -1.57
N TRP A 27 -1.20 0.10 -1.58
CA TRP A 27 -0.83 -0.67 -2.76
C TRP A 27 -1.75 -1.89 -2.97
N PRO A 28 -2.20 -2.60 -1.93
CA PRO A 28 -3.21 -3.65 -2.19
C PRO A 28 -4.49 -3.13 -2.79
N TYR A 29 -4.90 -1.91 -2.43
CA TYR A 29 -6.08 -1.32 -3.05
C TYR A 29 -5.86 -1.09 -4.55
N LEU A 30 -4.70 -0.49 -4.90
CA LEU A 30 -4.43 -0.18 -6.31
C LEU A 30 -4.20 -1.45 -7.11
N GLU A 31 -3.67 -2.48 -6.46
CA GLU A 31 -3.47 -3.75 -7.13
C GLU A 31 -4.81 -4.35 -7.58
N GLN A 32 -5.84 -4.26 -6.74
CA GLN A 32 -7.08 -4.95 -7.03
C GLN A 32 -8.06 -4.10 -7.85
N GLN A 33 -7.73 -2.86 -8.14
CA GLN A 33 -8.65 -1.99 -8.85
C GLN A 33 -8.48 -2.06 -10.37
N GLN A 34 -7.77 -3.08 -10.85
CA GLN A 34 -7.56 -3.30 -12.28
C GLN A 34 -7.05 -2.02 -12.92
N ASP A 35 -7.77 -1.51 -13.92
CA ASP A 35 -7.36 -0.30 -14.63
C ASP A 35 -8.37 0.84 -14.47
N THR A 36 -9.34 0.70 -13.56
CA THR A 36 -10.21 1.82 -13.18
C THR A 36 -9.35 3.01 -12.75
N LEU A 37 -9.77 4.23 -13.10
CA LEU A 37 -9.06 5.42 -12.64
C LEU A 37 -9.23 5.62 -11.14
N VAL A 38 -8.12 5.77 -10.41
CA VAL A 38 -8.14 6.01 -8.97
C VAL A 38 -7.57 7.41 -8.71
N VAL A 39 -8.35 8.25 -8.03
CA VAL A 39 -7.93 9.60 -7.65
C VAL A 39 -7.63 9.59 -6.15
N VAL A 40 -6.40 9.95 -5.78
CA VAL A 40 -5.97 9.90 -4.39
C VAL A 40 -5.80 11.33 -3.88
N ASP A 41 -6.49 11.64 -2.82
CA ASP A 41 -6.36 12.92 -2.12
C ASP A 41 -5.42 12.67 -0.94
N PHE A 42 -4.17 13.11 -1.06
CA PHE A 42 -3.22 13.10 0.06
C PHE A 42 -3.40 14.39 0.82
N TYR A 43 -3.80 14.30 2.09
CA TYR A 43 -4.12 15.46 2.91
C TYR A 43 -3.34 15.37 4.23
N THR A 44 -3.45 16.41 5.08
CA THR A 44 -2.95 16.34 6.45
C THR A 44 -3.93 17.01 7.41
N ASP A 45 -3.71 16.78 8.72
CA ASP A 45 -4.59 17.36 9.73
C ASP A 45 -4.36 18.85 9.91
N TRP A 46 -3.25 19.38 9.41
CA TRP A 46 -2.95 20.80 9.52
C TRP A 46 -3.21 21.56 8.22
N CYS A 47 -3.81 20.91 7.23
CA CYS A 47 -3.98 21.47 5.89
C CYS A 47 -5.32 22.19 5.77
N GLY A 48 -5.28 23.52 5.82
CA GLY A 48 -6.45 24.33 5.58
C GLY A 48 -7.14 24.09 4.24
N PRO A 49 -6.42 24.28 3.13
CA PRO A 49 -7.05 24.06 1.82
C PRO A 49 -7.68 22.67 1.64
N CYS A 50 -7.12 21.62 2.28
CA CYS A 50 -7.74 20.29 2.17
C CYS A 50 -9.17 20.30 2.68
N LYS A 51 -9.41 21.00 3.80
CA LYS A 51 -10.76 21.09 4.34
C LYS A 51 -11.67 21.92 3.43
N LEU A 52 -11.09 22.85 2.67
CA LEU A 52 -11.87 23.70 1.77
C LEU A 52 -12.36 22.89 0.56
N ILE A 53 -11.49 22.05 -0.01
CA ILE A 53 -11.82 21.26 -1.19
C ILE A 53 -12.58 19.96 -0.87
N TYR A 54 -12.61 19.51 0.40
CA TYR A 54 -13.15 18.17 0.67
C TYR A 54 -14.61 18.00 0.29
N PRO A 55 -15.54 18.89 0.68
CA PRO A 55 -16.94 18.67 0.27
C PRO A 55 -17.14 18.66 -1.24
N GLU A 56 -16.35 19.43 -2.00
CA GLU A 56 -16.43 19.36 -3.46
C GLU A 56 -15.96 18.00 -3.97
N LEU A 57 -14.88 17.49 -3.37
CA LEU A 57 -14.37 16.16 -3.70
C LEU A 57 -15.43 15.09 -3.46
N VAL A 58 -16.05 15.10 -2.27
CA VAL A 58 -17.11 14.13 -2.01
C VAL A 58 -18.19 14.24 -3.07
N LYS A 59 -18.58 15.49 -3.41
CA LYS A 59 -19.57 15.73 -4.44
C LYS A 59 -19.17 15.08 -5.75
N LEU A 60 -17.96 15.41 -6.21
CA LEU A 60 -17.46 14.82 -7.44
C LEU A 60 -17.50 13.29 -7.40
N SER A 61 -17.18 12.71 -6.24
CA SER A 61 -17.11 11.25 -6.16
C SER A 61 -18.48 10.63 -6.34
N GLN A 62 -19.52 11.30 -5.87
CA GLN A 62 -20.88 10.79 -6.01
C GLN A 62 -21.41 10.97 -7.43
N GLU A 63 -20.86 11.92 -8.17
CA GLU A 63 -21.25 12.14 -9.56
C GLU A 63 -20.48 11.19 -10.47
N ARG A 64 -19.16 11.08 -10.27
CA ARG A 64 -18.31 10.25 -11.13
C ARG A 64 -18.11 8.87 -10.51
N THR A 65 -19.21 8.09 -10.51
CA THR A 65 -19.14 6.76 -9.90
C THR A 65 -18.30 5.79 -10.73
N ASP A 66 -17.88 6.19 -11.94
CA ASP A 66 -16.96 5.39 -12.76
C ASP A 66 -15.50 5.59 -12.38
N VAL A 67 -15.20 6.50 -11.47
CA VAL A 67 -13.85 6.77 -10.98
C VAL A 67 -13.81 6.46 -9.48
N ARG A 68 -12.68 5.97 -8.97
CA ARG A 68 -12.50 5.73 -7.53
C ARG A 68 -11.88 6.96 -6.87
N PHE A 69 -12.49 7.44 -5.79
CA PHE A 69 -11.93 8.54 -5.01
C PHE A 69 -11.57 8.00 -3.63
N VAL A 70 -10.31 8.18 -3.24
CA VAL A 70 -9.80 7.72 -1.95
C VAL A 70 -8.92 8.82 -1.38
N LYS A 71 -8.58 8.68 -0.09
CA LYS A 71 -7.81 9.69 0.61
C LYS A 71 -6.79 9.02 1.53
N VAL A 72 -5.68 9.71 1.72
CA VAL A 72 -4.55 9.23 2.51
C VAL A 72 -4.12 10.37 3.43
N ASN A 73 -4.17 10.13 4.73
CA ASN A 73 -3.70 11.11 5.70
C ASN A 73 -2.18 10.96 5.83
N CYS A 74 -1.43 11.92 5.30
CA CYS A 74 0.03 11.89 5.41
C CYS A 74 0.40 12.32 6.83
N ASN A 75 0.70 11.36 7.68
CA ASN A 75 0.99 11.62 9.08
C ASN A 75 2.17 10.73 9.48
N LYS A 76 2.52 10.75 10.77
CA LYS A 76 3.69 9.97 11.19
C LYS A 76 3.46 8.49 10.98
N SER A 77 2.24 8.02 11.26
CA SER A 77 1.94 6.61 11.08
C SER A 77 2.19 6.16 9.64
N ASN A 78 1.85 7.00 8.67
CA ASN A 78 1.98 6.68 7.25
C ASN A 78 3.27 7.24 6.64
N LYS A 79 4.24 7.60 7.47
CA LYS A 79 5.37 8.40 6.99
C LYS A 79 6.17 7.67 5.93
N GLU A 80 6.23 6.33 5.99
CA GLU A 80 6.95 5.61 4.95
C GLU A 80 6.22 5.73 3.61
N LEU A 81 4.90 5.75 3.64
CA LEU A 81 4.16 5.92 2.41
C LEU A 81 4.37 7.30 1.82
N GLY A 82 4.33 8.35 2.65
CA GLY A 82 4.58 9.69 2.15
C GLY A 82 5.98 9.86 1.59
N MET A 83 6.96 9.25 2.24
CA MET A 83 8.31 9.31 1.72
C MET A 83 8.44 8.53 0.42
N GLN A 84 7.90 7.31 0.38
CA GLN A 84 7.98 6.49 -0.82
C GLN A 84 7.33 7.18 -2.01
N LEU A 85 6.20 7.85 -1.79
CA LEU A 85 5.47 8.55 -2.83
C LEU A 85 5.99 9.96 -3.07
N ALA A 86 6.95 10.43 -2.27
CA ALA A 86 7.54 11.76 -2.46
C ALA A 86 6.48 12.85 -2.38
N ILE A 87 5.58 12.75 -1.40
CA ILE A 87 4.58 13.80 -1.23
C ILE A 87 5.28 15.04 -0.73
N LYS A 88 4.92 16.19 -1.33
CA LYS A 88 5.54 17.46 -0.96
C LYS A 88 4.55 18.51 -0.49
N VAL A 89 3.37 18.57 -1.09
CA VAL A 89 2.41 19.65 -0.94
C VAL A 89 1.13 19.06 -0.34
N ALA A 90 0.50 19.82 0.54
CA ALA A 90 -0.79 19.42 1.09
C ALA A 90 -1.85 20.41 0.61
N PRO A 91 -2.86 19.98 -0.17
CA PRO A 91 -3.07 18.62 -0.68
C PRO A 91 -2.27 18.30 -1.94
N THR A 92 -2.04 17.00 -2.18
CA THR A 92 -1.57 16.51 -3.46
C THR A 92 -2.61 15.53 -4.00
N PHE A 93 -2.79 15.50 -5.31
CA PHE A 93 -3.65 14.52 -5.96
C PHE A 93 -2.82 13.69 -6.92
N HIS A 94 -2.95 12.37 -6.83
CA HIS A 94 -2.39 11.40 -7.77
C HIS A 94 -3.55 10.75 -8.52
N LEU A 95 -3.36 10.51 -9.82
CA LEU A 95 -4.26 9.64 -10.57
C LEU A 95 -3.50 8.37 -10.93
N TYR A 96 -4.14 7.22 -10.72
CA TYR A 96 -3.55 5.91 -10.96
C TYR A 96 -4.40 5.07 -11.90
N ARG A 97 -3.72 4.26 -12.70
CA ARG A 97 -4.32 3.15 -13.44
C ARG A 97 -3.30 2.04 -13.48
N ASN A 98 -3.77 0.81 -13.30
CA ASN A 98 -2.88 -0.36 -13.35
C ASN A 98 -1.68 -0.17 -12.45
N LYS A 99 -1.95 0.26 -11.21
CA LYS A 99 -0.94 0.41 -10.17
C LYS A 99 0.12 1.46 -10.53
N THR A 100 -0.17 2.34 -11.48
CA THR A 100 0.83 3.25 -11.99
C THR A 100 0.27 4.67 -12.05
N LYS A 101 1.05 5.63 -11.57
CA LYS A 101 0.65 7.02 -11.55
C LYS A 101 0.59 7.56 -12.97
N VAL A 102 -0.60 7.99 -13.42
CA VAL A 102 -0.70 8.60 -14.75
C VAL A 102 -0.72 10.12 -14.70
N ALA A 103 -0.92 10.74 -13.54
CA ALA A 103 -0.83 12.20 -13.44
C ALA A 103 -0.74 12.60 -11.98
N ASP A 104 -0.32 13.83 -11.74
CA ASP A 104 -0.45 14.40 -10.40
C ASP A 104 -0.61 15.90 -10.48
N MET A 105 -1.12 16.48 -9.41
CA MET A 105 -1.14 17.93 -9.27
C MET A 105 -1.16 18.22 -7.78
N THR A 106 -0.78 19.46 -7.44
CA THR A 106 -0.77 19.89 -6.05
C THR A 106 -1.73 21.06 -5.87
N GLY A 107 -2.16 21.26 -4.63
CA GLY A 107 -2.99 22.38 -4.27
C GLY A 107 -4.47 22.09 -4.40
N ALA A 108 -5.26 22.91 -3.71
CA ALA A 108 -6.71 22.73 -3.69
C ALA A 108 -7.35 23.50 -4.85
N LYS A 109 -7.07 23.03 -6.06
CA LYS A 109 -7.56 23.66 -7.28
C LYS A 109 -8.54 22.68 -7.95
N MET A 110 -9.81 22.78 -7.56
CA MET A 110 -10.80 21.78 -8.00
C MET A 110 -11.06 21.86 -9.51
N ASP A 111 -10.98 23.07 -10.08
CA ASP A 111 -11.05 23.24 -11.54
C ASP A 111 -10.01 22.41 -12.25
N LYS A 112 -8.75 22.60 -11.86
CA LYS A 112 -7.65 21.87 -12.46
C LYS A 112 -7.81 20.36 -12.26
N LEU A 113 -8.24 19.95 -11.07
CA LEU A 113 -8.43 18.52 -10.80
C LEU A 113 -9.46 17.92 -11.74
N ILE A 114 -10.62 18.57 -11.86
CA ILE A 114 -11.69 18.06 -12.72
C ILE A 114 -11.21 17.97 -14.16
N ALA A 115 -10.41 18.95 -14.61
CA ALA A 115 -9.89 18.89 -15.97
C ALA A 115 -8.87 17.77 -16.12
N LEU A 116 -8.04 17.56 -15.09
CA LEU A 116 -7.10 16.45 -15.14
C LEU A 116 -7.84 15.14 -15.25
N ILE A 117 -8.90 14.98 -14.43
CA ILE A 117 -9.69 13.75 -14.44
C ILE A 117 -10.34 13.55 -15.79
N ASN A 118 -10.94 14.60 -16.35
CA ASN A 118 -11.65 14.43 -17.61
C ASN A 118 -10.68 14.11 -18.74
N GLN A 119 -9.44 14.54 -18.61
CA GLN A 119 -8.44 14.23 -19.62
C GLN A 119 -8.00 12.77 -19.54
N HIS A 120 -8.17 12.13 -18.37
CA HIS A 120 -7.85 10.71 -18.27
C HIS A 120 -9.06 9.80 -18.32
N GLN A 121 -10.20 10.24 -17.80
CA GLN A 121 -11.43 9.44 -17.82
C GLN A 121 -12.58 10.39 -18.15
N PRO A 122 -12.78 10.66 -19.44
CA PRO A 122 -13.86 11.57 -19.83
C PRO A 122 -15.21 10.98 -19.47
N PRO A 123 -16.16 11.82 -19.10
CA PRO A 123 -17.45 11.30 -18.62
C PRO A 123 -18.31 10.85 -19.79
N LYS A 124 -19.10 9.81 -19.53
CA LYS A 124 -20.18 9.40 -20.42
C LYS A 124 -19.65 9.02 -21.81
N GLY B 17 -1.29 -9.80 -1.86
CA GLY B 17 -1.99 -9.80 -0.58
C GLY B 17 -3.35 -9.11 -0.68
N LEU B 18 -4.37 -9.71 -0.06
CA LEU B 18 -5.71 -9.17 -0.17
C LEU B 18 -5.84 -7.85 0.58
N LEU B 19 -6.65 -6.95 0.04
CA LEU B 19 -6.94 -5.69 0.73
C LEU B 19 -7.68 -5.93 2.04
N GLN B 20 -7.17 -5.36 3.12
CA GLN B 20 -7.78 -5.48 4.42
C GLN B 20 -8.71 -4.30 4.69
N LEU B 21 -9.95 -4.61 5.05
CA LEU B 21 -10.92 -3.60 5.47
C LEU B 21 -11.07 -3.66 6.98
N ASP B 22 -11.48 -2.54 7.58
CA ASP B 22 -11.81 -2.56 9.01
C ASP B 22 -13.15 -1.88 9.26
N LYS B 23 -13.45 -1.67 10.55
CA LYS B 23 -14.72 -1.07 10.96
C LYS B 23 -14.99 0.26 10.27
N ASP B 24 -13.94 1.03 9.96
CA ASP B 24 -14.12 2.36 9.37
C ASP B 24 -14.17 2.33 7.85
N THR B 25 -13.46 1.41 7.21
CA THR B 25 -13.32 1.40 5.76
C THR B 25 -14.24 0.40 5.08
N PHE B 26 -14.90 -0.47 5.84
CA PHE B 26 -15.68 -1.57 5.27
C PHE B 26 -16.81 -1.05 4.40
N TRP B 27 -17.71 -0.28 4.99
CA TRP B 27 -18.86 0.22 4.24
C TRP B 27 -18.45 1.22 3.14
N PRO B 28 -17.53 2.16 3.38
CA PRO B 28 -17.11 3.05 2.28
C PRO B 28 -16.54 2.30 1.10
N TYR B 29 -15.84 1.20 1.35
CA TYR B 29 -15.33 0.37 0.26
C TYR B 29 -16.49 -0.26 -0.53
N LEU B 30 -17.44 -0.86 0.19
CA LEU B 30 -18.55 -1.52 -0.50
C LEU B 30 -19.38 -0.50 -1.25
N GLU B 31 -19.43 0.74 -0.76
CA GLU B 31 -20.18 1.79 -1.42
C GLU B 31 -19.59 2.11 -2.79
N GLN B 32 -18.26 2.15 -2.92
CA GLN B 32 -17.66 2.60 -4.15
C GLN B 32 -17.43 1.49 -5.17
N GLN B 33 -17.72 0.24 -4.86
CA GLN B 33 -17.46 -0.81 -5.85
C GLN B 33 -18.52 -0.85 -6.94
N ASP B 35 -21.22 -2.15 -8.73
CA ASP B 35 -21.84 -3.47 -8.68
C ASP B 35 -20.87 -4.59 -9.05
N THR B 36 -19.58 -4.39 -8.86
CA THR B 36 -18.65 -5.49 -8.96
C THR B 36 -18.83 -6.42 -7.77
N LEU B 37 -18.65 -7.72 -7.98
CA LEU B 37 -18.82 -8.68 -6.89
C LEU B 37 -17.65 -8.58 -5.93
N VAL B 38 -17.95 -8.66 -4.62
CA VAL B 38 -16.93 -8.53 -3.59
C VAL B 38 -17.02 -9.75 -2.68
N VAL B 39 -15.94 -10.50 -2.58
CA VAL B 39 -15.82 -11.65 -1.70
C VAL B 39 -15.08 -11.19 -0.44
N VAL B 40 -15.72 -11.33 0.72
CA VAL B 40 -15.14 -10.87 1.98
C VAL B 40 -14.79 -12.08 2.84
N ASP B 41 -13.52 -12.19 3.18
CA ASP B 41 -12.96 -13.23 4.04
C ASP B 41 -12.90 -12.65 5.45
N PHE B 42 -13.85 -13.03 6.30
CA PHE B 42 -13.81 -12.71 7.71
C PHE B 42 -12.98 -13.78 8.42
N TYR B 43 -11.81 -13.40 8.92
CA TYR B 43 -10.91 -14.33 9.57
C TYR B 43 -10.61 -13.83 11.00
N THR B 44 -9.85 -14.65 11.74
CA THR B 44 -9.32 -14.26 13.02
C THR B 44 -7.87 -14.71 13.12
N ASP B 45 -7.15 -14.13 14.08
CA ASP B 45 -5.75 -14.47 14.27
C ASP B 45 -5.58 -15.92 14.74
N TRP B 46 -6.56 -16.43 15.49
CA TRP B 46 -6.47 -17.76 16.07
C TRP B 46 -7.06 -18.84 15.16
N CYS B 47 -7.27 -18.53 13.88
CA CYS B 47 -7.96 -19.43 12.96
C CYS B 47 -6.94 -20.18 12.11
N GLY B 48 -6.72 -21.45 12.43
CA GLY B 48 -5.75 -22.27 11.74
C GLY B 48 -6.00 -22.39 10.24
N PRO B 49 -7.18 -22.87 9.85
CA PRO B 49 -7.44 -23.07 8.42
C PRO B 49 -7.54 -21.76 7.63
N CYS B 50 -7.97 -20.66 8.25
CA CYS B 50 -7.81 -19.35 7.61
C CYS B 50 -6.41 -19.21 7.05
N LYS B 51 -5.42 -19.51 7.90
CA LYS B 51 -4.03 -19.42 7.47
C LYS B 51 -3.74 -20.36 6.32
N LEU B 52 -4.30 -21.59 6.37
CA LEU B 52 -4.08 -22.56 5.30
C LEU B 52 -4.64 -22.06 3.97
N ILE B 53 -5.86 -21.50 4.02
CA ILE B 53 -6.63 -21.20 2.81
C ILE B 53 -6.22 -19.89 2.17
N TYR B 54 -5.56 -19.01 2.92
CA TYR B 54 -5.29 -17.65 2.45
C TYR B 54 -4.44 -17.61 1.19
N PRO B 55 -3.36 -18.40 1.04
CA PRO B 55 -2.66 -18.41 -0.26
C PRO B 55 -3.56 -18.81 -1.42
N GLU B 56 -4.46 -19.77 -1.21
CA GLU B 56 -5.43 -20.12 -2.25
C GLU B 56 -6.36 -18.95 -2.56
N LEU B 57 -6.81 -18.24 -1.52
CA LEU B 57 -7.59 -17.03 -1.76
C LEU B 57 -6.80 -16.01 -2.57
N VAL B 58 -5.51 -15.83 -2.24
CA VAL B 58 -4.72 -14.87 -2.99
C VAL B 58 -4.60 -15.29 -4.44
N LYS B 59 -4.33 -16.58 -4.67
CA LYS B 59 -4.17 -17.06 -6.04
C LYS B 59 -5.48 -16.98 -6.81
N LEU B 60 -6.60 -17.29 -6.13
CA LEU B 60 -7.91 -17.14 -6.76
C LEU B 60 -8.16 -15.69 -7.15
N SER B 61 -7.84 -14.77 -6.24
CA SER B 61 -8.05 -13.35 -6.54
C SER B 61 -7.21 -12.89 -7.72
N GLN B 62 -5.99 -13.41 -7.85
CA GLN B 62 -5.11 -13.04 -8.95
C GLN B 62 -5.60 -13.56 -10.30
N GLU B 63 -6.54 -14.49 -10.32
CA GLU B 63 -7.06 -14.99 -11.59
C GLU B 63 -8.50 -14.58 -11.86
N ARG B 64 -9.31 -14.36 -10.84
CA ARG B 64 -10.65 -13.79 -11.05
C ARG B 64 -10.60 -12.28 -10.83
N THR B 65 -9.80 -11.61 -11.67
CA THR B 65 -9.58 -10.16 -11.56
C THR B 65 -10.84 -9.35 -11.75
N ASP B 66 -11.93 -9.97 -12.23
CA ASP B 66 -13.23 -9.31 -12.30
C ASP B 66 -13.97 -9.32 -10.97
N VAL B 67 -13.44 -10.00 -9.95
CA VAL B 67 -14.01 -10.03 -8.62
C VAL B 67 -13.06 -9.32 -7.66
N ARG B 68 -13.62 -8.75 -6.59
CA ARG B 68 -12.82 -8.11 -5.56
C ARG B 68 -12.74 -9.03 -4.35
N PHE B 69 -11.52 -9.28 -3.88
CA PHE B 69 -11.27 -10.14 -2.73
C PHE B 69 -10.66 -9.30 -1.62
N VAL B 70 -11.37 -9.16 -0.52
CA VAL B 70 -10.90 -8.39 0.62
C VAL B 70 -10.96 -9.28 1.85
N LYS B 71 -10.35 -8.81 2.95
CA LYS B 71 -10.35 -9.58 4.20
C LYS B 71 -10.62 -8.64 5.39
N VAL B 72 -11.29 -9.18 6.41
CA VAL B 72 -11.56 -8.46 7.65
C VAL B 72 -11.08 -9.32 8.82
N ASN B 73 -10.18 -8.78 9.63
CA ASN B 73 -9.73 -9.46 10.83
C ASN B 73 -10.77 -9.25 11.93
N CYS B 74 -11.51 -10.30 12.29
CA CYS B 74 -12.54 -10.20 13.31
C CYS B 74 -11.86 -10.17 14.67
N ASN B 75 -11.82 -8.98 15.27
CA ASN B 75 -11.08 -8.81 16.50
C ASN B 75 -11.74 -7.71 17.30
N LYS B 76 -11.05 -7.28 18.35
CA LYS B 76 -11.58 -6.32 19.31
C LYS B 76 -11.82 -4.97 18.66
N SER B 77 -10.81 -4.45 17.94
CA SER B 77 -10.96 -3.18 17.23
C SER B 77 -12.14 -3.20 16.28
N ASN B 78 -12.38 -4.32 15.61
CA ASN B 78 -13.48 -4.43 14.68
C ASN B 78 -14.75 -5.05 15.30
N LYS B 79 -14.89 -5.00 16.63
CA LYS B 79 -15.95 -5.76 17.29
C LYS B 79 -17.34 -5.35 16.78
N GLU B 80 -17.56 -4.05 16.56
CA GLU B 80 -18.84 -3.55 16.08
C GLU B 80 -19.20 -4.14 14.71
N LEU B 81 -18.22 -4.28 13.83
CA LEU B 81 -18.47 -4.97 12.56
C LEU B 81 -18.81 -6.43 12.81
N GLY B 82 -17.98 -7.10 13.62
CA GLY B 82 -18.24 -8.50 13.92
C GLY B 82 -19.64 -8.74 14.46
N MET B 83 -20.10 -7.86 15.37
CA MET B 83 -21.42 -8.04 15.96
C MET B 83 -22.53 -7.69 14.96
N GLN B 84 -22.44 -6.53 14.33
CA GLN B 84 -23.53 -6.11 13.44
C GLN B 84 -23.72 -7.07 12.28
N LEU B 85 -22.66 -7.79 11.88
CA LEU B 85 -22.73 -8.81 10.85
C LEU B 85 -22.94 -10.22 11.38
N ALA B 86 -23.08 -10.39 12.69
CA ALA B 86 -23.37 -11.69 13.29
C ALA B 86 -22.37 -12.76 12.86
N ILE B 87 -21.09 -12.39 12.88
CA ILE B 87 -20.05 -13.36 12.55
C ILE B 87 -19.95 -14.38 13.67
N LYS B 88 -19.82 -15.66 13.30
CA LYS B 88 -19.79 -16.73 14.27
C LYS B 88 -18.66 -17.72 13.99
N VAL B 89 -18.33 -17.95 12.72
CA VAL B 89 -17.36 -19.01 12.38
C VAL B 89 -16.01 -18.46 11.94
N PRO B 91 -13.70 -18.93 9.48
CA PRO B 91 -13.80 -18.04 8.33
C PRO B 91 -15.28 -17.78 7.95
N PHE B 93 -17.11 -16.15 4.96
CA PHE B 93 -17.18 -15.47 3.65
C PHE B 93 -18.54 -14.86 3.37
N HIS B 94 -18.54 -13.60 3.00
CA HIS B 94 -19.71 -12.94 2.47
C HIS B 94 -19.46 -12.58 1.01
N LEU B 95 -20.54 -12.52 0.23
CA LEU B 95 -20.51 -12.00 -1.13
C LEU B 95 -21.39 -10.75 -1.17
N TYR B 96 -20.81 -9.64 -1.63
CA TYR B 96 -21.53 -8.37 -1.71
C TYR B 96 -21.61 -7.90 -3.15
N ARG B 97 -22.75 -7.27 -3.48
CA ARG B 97 -22.91 -6.53 -4.73
C ARG B 97 -23.71 -5.27 -4.46
N ASN B 98 -23.30 -4.18 -5.11
CA ASN B 98 -23.44 -2.82 -4.60
C ASN B 98 -24.09 -2.76 -3.22
N LYS B 99 -23.27 -3.02 -2.20
CA LYS B 99 -23.50 -2.71 -0.79
C LYS B 99 -24.49 -3.64 -0.10
N THR B 100 -24.93 -4.72 -0.75
CA THR B 100 -25.85 -5.64 -0.12
C THR B 100 -25.31 -7.05 -0.18
N LYS B 101 -25.44 -7.77 0.94
CA LYS B 101 -25.01 -9.17 0.97
C LYS B 101 -25.95 -10.00 0.11
N VAL B 102 -25.37 -10.76 -0.82
CA VAL B 102 -26.15 -11.62 -1.70
C VAL B 102 -25.90 -13.08 -1.46
N ALA B 103 -24.95 -13.42 -0.58
CA ALA B 103 -24.62 -14.80 -0.28
C ALA B 103 -23.68 -14.81 0.90
N ASP B 104 -23.54 -15.97 1.52
CA ASP B 104 -22.59 -16.13 2.63
C ASP B 104 -22.32 -17.62 2.82
N MET B 105 -21.31 -17.89 3.66
CA MET B 105 -20.83 -19.25 3.79
C MET B 105 -19.79 -19.26 4.91
N THR B 106 -19.63 -20.42 5.55
CA THR B 106 -18.70 -20.57 6.66
C THR B 106 -17.76 -21.74 6.40
N GLY B 107 -16.65 -21.74 7.10
CA GLY B 107 -15.65 -22.79 6.97
C GLY B 107 -14.66 -22.51 5.86
N ALA B 108 -13.55 -23.24 5.92
CA ALA B 108 -12.44 -23.07 4.99
C ALA B 108 -12.54 -24.06 3.82
N LYS B 109 -13.65 -23.95 3.08
CA LYS B 109 -13.99 -24.86 1.99
C LYS B 109 -13.87 -24.12 0.67
N MET B 110 -12.71 -24.24 0.02
CA MET B 110 -12.42 -23.40 -1.15
C MET B 110 -13.34 -23.73 -2.33
N ASP B 111 -13.65 -25.01 -2.53
CA ASP B 111 -14.45 -25.37 -3.70
C ASP B 111 -15.89 -24.88 -3.57
N LYS B 112 -16.46 -24.98 -2.37
CA LYS B 112 -17.78 -24.42 -2.15
C LYS B 112 -17.80 -22.93 -2.45
N LEU B 113 -16.78 -22.20 -2.00
CA LEU B 113 -16.70 -20.77 -2.25
C LEU B 113 -16.62 -20.46 -3.74
N ILE B 114 -15.74 -21.16 -4.46
CA ILE B 114 -15.62 -20.96 -5.91
C ILE B 114 -16.98 -21.19 -6.58
N ALA B 115 -17.67 -22.26 -6.19
CA ALA B 115 -18.99 -22.52 -6.75
C ALA B 115 -19.94 -21.38 -6.42
N LEU B 116 -19.92 -20.92 -5.17
CA LEU B 116 -20.75 -19.80 -4.78
C LEU B 116 -20.46 -18.57 -5.64
N ILE B 117 -19.19 -18.37 -5.99
CA ILE B 117 -18.80 -17.19 -6.75
C ILE B 117 -19.35 -17.24 -8.17
N ASN B 118 -19.02 -18.33 -8.90
CA ASN B 118 -19.48 -18.46 -10.28
C ASN B 118 -21.00 -18.37 -10.38
N GLN B 119 -21.69 -18.95 -9.41
CA GLN B 119 -23.14 -18.88 -9.35
C GLN B 119 -23.64 -17.45 -9.17
N HIS B 120 -22.76 -16.51 -8.81
CA HIS B 120 -23.09 -15.09 -8.82
C HIS B 120 -22.31 -14.27 -9.85
N GLN B 121 -21.12 -14.73 -10.28
CA GLN B 121 -20.26 -14.11 -11.29
C GLN B 121 -19.31 -15.15 -11.90
N PRO B 122 -19.64 -15.76 -13.03
CA PRO B 122 -18.69 -16.75 -13.56
C PRO B 122 -17.85 -16.20 -14.72
N GLY C 15 19.24 15.97 -5.11
CA GLY C 15 19.24 14.55 -4.78
C GLY C 15 18.00 14.08 -4.03
N GLN C 16 18.17 13.02 -3.26
CA GLN C 16 17.10 12.45 -2.45
C GLN C 16 17.55 12.35 -1.00
N GLY C 17 16.64 12.65 -0.07
CA GLY C 17 16.95 12.45 1.33
C GLY C 17 17.26 10.99 1.68
N LEU C 18 17.53 10.77 2.97
CA LEU C 18 17.64 9.39 3.45
C LEU C 18 16.26 8.98 3.95
N LEU C 19 15.52 8.30 3.09
CA LEU C 19 14.14 7.96 3.37
C LEU C 19 14.05 6.64 4.14
N GLN C 20 12.92 6.46 4.79
CA GLN C 20 12.63 5.23 5.51
C GLN C 20 11.52 4.46 4.79
N LEU C 21 11.73 3.17 4.59
CA LEU C 21 10.74 2.31 3.97
C LEU C 21 10.38 1.18 4.93
N ASP C 22 9.29 0.47 4.61
CA ASP C 22 8.86 -0.64 5.44
C ASP C 22 8.31 -1.75 4.53
N LYS C 23 7.73 -2.78 5.15
CA LYS C 23 7.33 -3.97 4.41
C LYS C 23 6.33 -3.67 3.30
N ASP C 24 5.55 -2.60 3.42
CA ASP C 24 4.56 -2.27 2.40
C ASP C 24 5.05 -1.28 1.37
N THR C 25 6.17 -0.61 1.60
CA THR C 25 6.65 0.42 0.69
C THR C 25 7.96 0.04 0.02
N PHE C 26 8.60 -1.04 0.48
CA PHE C 26 9.95 -1.40 0.02
C PHE C 26 9.95 -1.69 -1.48
N TRP C 27 9.15 -2.68 -1.91
CA TRP C 27 9.18 -3.08 -3.30
C TRP C 27 8.58 -2.01 -4.21
N PRO C 28 7.48 -1.35 -3.83
CA PRO C 28 7.02 -0.21 -4.65
C PRO C 28 8.08 0.87 -4.85
N TYR C 29 8.89 1.13 -3.82
CA TYR C 29 9.97 2.09 -4.00
C TYR C 29 10.99 1.57 -5.01
N LEU C 30 11.45 0.32 -4.84
CA LEU C 30 12.42 -0.23 -5.77
C LEU C 30 11.87 -0.23 -7.20
N GLU C 31 10.58 -0.55 -7.35
CA GLU C 31 9.96 -0.50 -8.66
C GLU C 31 10.06 0.89 -9.28
N GLN C 32 9.86 1.93 -8.48
CA GLN C 32 9.85 3.30 -8.96
C GLN C 32 11.24 3.86 -9.25
N GLN C 33 12.30 3.22 -8.76
CA GLN C 33 13.64 3.76 -8.99
C GLN C 33 14.26 3.11 -10.22
N ASP C 35 16.25 2.24 -12.49
CA ASP C 35 17.61 2.31 -13.02
C ASP C 35 18.65 2.68 -11.97
N THR C 36 18.26 3.63 -11.12
CA THR C 36 19.18 4.25 -10.19
C THR C 36 19.67 3.25 -9.14
N LEU C 37 20.93 3.40 -8.73
CA LEU C 37 21.45 2.56 -7.66
C LEU C 37 20.82 2.98 -6.34
N VAL C 38 20.28 2.00 -5.61
CA VAL C 38 19.62 2.20 -4.32
C VAL C 38 20.40 1.42 -3.26
N VAL C 39 20.86 2.12 -2.23
CA VAL C 39 21.57 1.50 -1.12
C VAL C 39 20.59 1.43 0.06
N VAL C 40 20.38 0.22 0.59
CA VAL C 40 19.44 0.01 1.68
C VAL C 40 20.20 -0.30 2.96
N ASP C 41 19.95 0.49 4.01
CA ASP C 41 20.48 0.23 5.35
C ASP C 41 19.39 -0.50 6.15
N PHE C 42 19.55 -1.82 6.29
CA PHE C 42 18.74 -2.65 7.19
C PHE C 42 19.32 -2.55 8.61
N TYR C 43 18.66 -1.78 9.48
CA TYR C 43 19.15 -1.54 10.84
C TYR C 43 18.13 -2.04 11.86
N THR C 44 18.49 -1.95 13.15
CA THR C 44 17.59 -2.25 14.27
C THR C 44 17.84 -1.21 15.36
N ASP C 45 16.84 -1.04 16.22
CA ASP C 45 16.96 -0.04 17.29
C ASP C 45 17.96 -0.43 18.38
N TRP C 46 18.37 -1.70 18.44
CA TRP C 46 19.30 -2.18 19.46
C TRP C 46 20.71 -2.37 18.93
N CYS C 47 20.97 -1.89 17.72
CA CYS C 47 22.26 -2.09 17.06
C CYS C 47 23.14 -0.90 17.37
N GLY C 48 24.11 -1.10 18.26
CA GLY C 48 25.11 -0.10 18.56
C GLY C 48 25.89 0.41 17.35
N PRO C 49 26.45 -0.51 16.55
CA PRO C 49 27.21 -0.06 15.35
C PRO C 49 26.38 0.76 14.39
N CYS C 50 25.13 0.37 14.15
CA CYS C 50 24.26 1.13 13.25
C CYS C 50 24.23 2.59 13.64
N LYS C 51 24.08 2.88 14.94
CA LYS C 51 23.96 4.27 15.34
C LYS C 51 25.27 5.03 15.18
N LEU C 52 26.41 4.33 15.27
CA LEU C 52 27.70 4.97 15.11
C LEU C 52 27.89 5.44 13.67
N ILE C 53 27.79 4.51 12.73
CA ILE C 53 28.00 4.84 11.33
C ILE C 53 26.88 5.66 10.72
N TYR C 54 25.78 5.86 11.43
CA TYR C 54 24.65 6.53 10.81
C TYR C 54 24.97 7.95 10.35
N PRO C 55 25.70 8.78 11.10
CA PRO C 55 26.08 10.09 10.55
C PRO C 55 27.00 9.99 9.35
N GLU C 56 27.80 8.93 9.24
CA GLU C 56 28.61 8.76 8.04
C GLU C 56 27.76 8.39 6.85
N LEU C 57 26.74 7.56 7.07
CA LEU C 57 25.75 7.26 6.02
C LEU C 57 25.11 8.54 5.49
N VAL C 58 24.70 9.43 6.38
CA VAL C 58 24.15 10.71 5.98
C VAL C 58 25.19 11.50 5.20
N LEU C 60 27.40 10.63 3.31
CA LEU C 60 27.59 9.93 2.05
C LEU C 60 26.40 10.14 1.14
N SER C 61 25.19 10.05 1.70
CA SER C 61 23.99 10.34 0.90
C SER C 61 23.99 11.78 0.42
N GLN C 62 24.51 12.69 1.24
CA GLN C 62 24.64 14.09 0.84
C GLN C 62 25.55 14.25 -0.36
N GLU C 63 26.66 13.49 -0.39
CA GLU C 63 27.64 13.66 -1.44
C GLU C 63 27.24 12.91 -2.71
N ARG C 64 26.90 11.63 -2.58
CA ARG C 64 26.52 10.82 -3.75
C ARG C 64 25.04 11.07 -4.08
N THR C 65 24.76 12.27 -4.57
CA THR C 65 23.37 12.56 -4.91
C THR C 65 22.88 11.74 -6.10
N ASP C 66 23.77 11.05 -6.81
CA ASP C 66 23.38 10.20 -7.94
C ASP C 66 22.99 8.79 -7.50
N VAL C 67 23.09 8.49 -6.20
CA VAL C 67 22.73 7.21 -5.62
C VAL C 67 21.62 7.45 -4.60
N ARG C 68 20.68 6.52 -4.48
CA ARG C 68 19.60 6.63 -3.49
C ARG C 68 19.98 5.88 -2.24
N PHE C 69 19.80 6.52 -1.08
CA PHE C 69 20.02 5.87 0.21
C PHE C 69 18.70 5.79 0.97
N VAL C 70 18.34 4.60 1.44
CA VAL C 70 17.13 4.39 2.21
C VAL C 70 17.44 3.43 3.36
N LYS C 71 16.60 3.46 4.38
CA LYS C 71 16.80 2.60 5.53
C LYS C 71 15.51 1.87 5.87
N VAL C 72 15.67 0.67 6.44
CA VAL C 72 14.56 -0.18 6.83
C VAL C 72 14.79 -0.63 8.27
N ASN C 73 13.84 -0.32 9.14
CA ASN C 73 13.92 -0.77 10.54
C ASN C 73 13.49 -2.21 10.62
N CYS C 74 14.44 -3.11 10.89
CA CYS C 74 14.15 -4.54 10.99
C CYS C 74 13.57 -4.81 12.38
N ASN C 75 12.27 -5.02 12.45
CA ASN C 75 11.55 -5.16 13.70
C ASN C 75 10.36 -6.07 13.48
N LYS C 76 9.54 -6.24 14.53
CA LYS C 76 8.41 -7.13 14.39
C LYS C 76 7.44 -6.66 13.31
N SER C 77 7.22 -5.36 13.21
CA SER C 77 6.29 -4.90 12.18
C SER C 77 6.81 -5.21 10.78
N ASN C 78 8.12 -5.19 10.59
CA ASN C 78 8.69 -5.45 9.27
C ASN C 78 9.21 -6.87 9.13
N LYS C 79 8.80 -7.75 10.03
CA LYS C 79 9.43 -9.06 10.16
C LYS C 79 9.35 -9.88 8.87
N GLU C 80 8.26 -9.72 8.11
CA GLU C 80 8.09 -10.57 6.93
C GLU C 80 9.02 -10.17 5.80
N LEU C 81 9.41 -8.90 5.76
CA LEU C 81 10.44 -8.46 4.81
C LEU C 81 11.82 -8.93 5.26
N GLY C 82 12.15 -8.75 6.54
CA GLY C 82 13.43 -9.22 7.05
C GLY C 82 13.62 -10.69 6.80
N MET C 83 12.53 -11.46 6.88
CA MET C 83 12.58 -12.89 6.67
C MET C 83 12.60 -13.24 5.18
N GLN C 84 11.77 -12.56 4.38
CA GLN C 84 11.85 -12.73 2.94
C GLN C 84 13.26 -12.46 2.43
N LEU C 85 13.94 -11.48 3.00
CA LEU C 85 15.28 -11.10 2.57
C LEU C 85 16.38 -11.82 3.32
N ALA C 86 16.02 -12.70 4.27
CA ALA C 86 16.97 -13.46 5.08
C ALA C 86 18.02 -12.57 5.72
N ILE C 87 17.58 -11.44 6.27
CA ILE C 87 18.51 -10.62 7.06
C ILE C 87 19.00 -11.44 8.24
N LYS C 88 20.31 -11.37 8.49
CA LYS C 88 20.87 -12.01 9.67
C LYS C 88 21.67 -11.09 10.55
N VAL C 89 22.17 -9.97 10.05
CA VAL C 89 23.15 -9.17 10.76
C VAL C 89 22.62 -7.75 10.85
N ALA C 90 22.65 -7.18 12.04
CA ALA C 90 22.30 -5.78 12.21
C ALA C 90 23.54 -4.94 11.95
N THR C 92 22.86 -4.91 8.07
CA THR C 92 23.05 -5.38 6.68
C THR C 92 22.77 -4.31 5.59
N PHE C 93 23.57 -4.27 4.51
CA PHE C 93 23.33 -3.38 3.38
C PHE C 93 23.04 -4.17 2.13
N HIS C 94 22.04 -3.71 1.37
CA HIS C 94 21.72 -4.22 0.04
C HIS C 94 21.87 -3.10 -0.96
N LEU C 95 22.36 -3.45 -2.15
CA LEU C 95 22.42 -2.59 -3.32
C LEU C 95 21.46 -3.16 -4.34
N TYR C 96 20.60 -2.28 -4.89
CA TYR C 96 19.54 -2.70 -5.80
C TYR C 96 19.60 -1.91 -7.10
N ARG C 97 19.32 -2.62 -8.19
CA ARG C 97 19.11 -1.97 -9.47
C ARG C 97 18.03 -2.75 -10.17
N ASN C 98 17.07 -2.04 -10.77
CA ASN C 98 15.99 -2.65 -11.52
C ASN C 98 15.29 -3.74 -10.70
N LYS C 99 14.99 -3.39 -9.45
CA LYS C 99 14.26 -4.27 -8.53
C LYS C 99 15.06 -5.52 -8.16
N THR C 100 16.36 -5.52 -8.40
CA THR C 100 17.17 -6.73 -8.24
C THR C 100 18.41 -6.44 -7.41
N LYS C 101 18.70 -7.32 -6.45
CA LYS C 101 19.86 -7.15 -5.60
C LYS C 101 21.14 -7.37 -6.41
N VAL C 102 22.07 -6.43 -6.35
CA VAL C 102 23.34 -6.58 -7.06
C VAL C 102 24.54 -6.72 -6.12
N ALA C 103 24.35 -6.55 -4.80
CA ALA C 103 25.43 -6.71 -3.85
C ALA C 103 24.88 -6.79 -2.44
N ASP C 104 25.64 -7.45 -1.55
CA ASP C 104 25.36 -7.72 -0.15
C ASP C 104 26.53 -7.21 0.69
N MET C 105 26.24 -6.92 1.96
CA MET C 105 27.27 -6.52 2.91
C MET C 105 26.62 -6.53 4.29
N THR C 106 27.36 -6.99 5.32
CA THR C 106 26.70 -7.19 6.62
C THR C 106 27.23 -6.36 7.79
N GLY C 107 28.41 -5.78 7.73
CA GLY C 107 28.93 -5.07 8.89
C GLY C 107 28.62 -3.58 8.86
N ALA C 108 28.89 -2.92 9.98
CA ALA C 108 28.92 -1.46 10.02
C ALA C 108 30.28 -0.93 9.55
N LYS C 109 30.64 -1.29 8.31
CA LYS C 109 31.96 -1.03 7.75
C LYS C 109 31.82 -0.04 6.60
N MET C 110 32.04 1.24 6.89
CA MET C 110 31.69 2.30 5.94
C MET C 110 32.59 2.29 4.71
N ASP C 111 33.89 2.12 4.90
CA ASP C 111 34.78 2.12 3.74
C ASP C 111 34.49 0.94 2.81
N LYS C 112 34.14 -0.21 3.39
CA LYS C 112 33.73 -1.35 2.57
C LYS C 112 32.45 -1.05 1.81
N LEU C 113 31.51 -0.35 2.44
CA LEU C 113 30.28 0.03 1.77
C LEU C 113 30.58 1.00 0.63
N ILE C 114 31.50 1.93 0.87
CA ILE C 114 31.84 2.92 -0.15
C ILE C 114 32.50 2.24 -1.35
N ALA C 115 33.45 1.33 -1.08
CA ALA C 115 34.06 0.57 -2.16
C ALA C 115 33.01 -0.21 -2.94
N LEU C 116 32.08 -0.83 -2.23
CA LEU C 116 31.02 -1.59 -2.89
C LEU C 116 30.18 -0.69 -3.79
N ILE C 117 29.80 0.49 -3.28
CA ILE C 117 29.04 1.43 -4.11
C ILE C 117 29.85 1.84 -5.33
N ASN C 118 31.14 2.11 -5.15
CA ASN C 118 31.94 2.55 -6.29
C ASN C 118 32.09 1.44 -7.33
N GLN C 119 32.05 0.17 -6.92
CA GLN C 119 32.13 -0.89 -7.91
C GLN C 119 30.88 -0.95 -8.77
N HIS C 120 29.78 -0.34 -8.32
CA HIS C 120 28.54 -0.40 -9.08
C HIS C 120 28.13 0.95 -9.64
N GLN C 121 28.46 2.05 -8.97
CA GLN C 121 28.18 3.39 -9.48
C GLN C 121 29.39 4.26 -9.20
N PRO C 122 30.43 4.16 -10.02
CA PRO C 122 31.59 5.02 -9.82
C PRO C 122 31.17 6.48 -9.89
N PRO C 123 31.85 7.36 -9.17
CA PRO C 123 31.45 8.76 -9.17
C PRO C 123 31.72 9.44 -10.51
N LYS C 124 31.03 10.57 -10.70
CA LYS C 124 31.08 11.51 -11.84
C LYS C 124 30.08 11.12 -12.93
#